data_7ODX
#
_entry.id   7ODX
#
_cell.length_a   108.180
_cell.length_b   108.180
_cell.length_c   142.330
_cell.angle_alpha   90.000
_cell.angle_beta   90.000
_cell.angle_gamma   120.000
#
_symmetry.space_group_name_H-M   'P 62 2 2'
#
loop_
_entity.id
_entity.type
_entity.pdbx_description
1 polymer 'Succinoaminodeoxyadenylate synthetase (PurZ)'
2 non-polymer "2'-DEOXYGUANOSINE-5'-MONOPHOSPHATE"
3 non-polymer "2'-DEOXYADENOSINE 5'-TRIPHOSPHATE"
4 water water
#
_entity_poly.entity_id   1
_entity_poly.type   'polypeptide(L)'
_entity_poly.pdbx_seq_one_letter_code
;GTGDGSMLSIPPYYRVKNCNLIVDCQYGSTGKGLLAGYLGALEAPQVLCMAPSPNAGHTLVEEDGTARVHKMLPLGITSP
SLERIYLGPGSVIDMDRLLEEYLALPRQVELWVHQNAAVVLQEHRDEEAAGGLAPGSTRSGAGSAFIAKIRRRPGTLLFG
EAVRDHPLHGVVRVVDTRTAQDMLFRTRSIQAEGCQGYSLSVHHGAYPYCTARDVTTAQLIADCGLPYDVARIARVVGSM
RTYPIRVANRPEAGEWSGPCYPDSVECQFADLGLEQEYTTVTKLPRRIFTFSAIQAHEAIAQNGVDEVFLNFAQYPPSLG
ALEDILDAIEARAEVTYVGFGPKVTDVYHTPTRAELEGLYARYRR
;
_entity_poly.pdbx_strand_id   A
#
loop_
_chem_comp.id
_chem_comp.type
_chem_comp.name
_chem_comp.formula
DGP non-polymer 2'-DEOXYGUANOSINE-5'-MONOPHOSPHATE 'C10 H14 N5 O7 P'
DTP non-polymer '2'-DEOXYADENOSINE 5'-TRIPHOSPHATE' 'C10 H16 N5 O12 P3'
#
# COMPACT_ATOMS: atom_id res chain seq x y z
N ARG A 15 -16.48 -20.40 -8.88
CA ARG A 15 -17.07 -19.07 -8.90
C ARG A 15 -16.12 -17.85 -9.02
N VAL A 16 -14.94 -17.94 -8.43
CA VAL A 16 -13.97 -16.85 -8.56
C VAL A 16 -13.45 -16.77 -9.99
N LYS A 17 -13.56 -15.59 -10.60
CA LYS A 17 -13.07 -15.38 -11.95
C LYS A 17 -11.87 -14.45 -12.01
N ASN A 18 -11.79 -13.46 -11.12
CA ASN A 18 -10.73 -12.47 -11.19
C ASN A 18 -10.22 -12.17 -9.80
N CYS A 19 -8.89 -12.07 -9.69
CA CYS A 19 -8.27 -11.61 -8.46
C CYS A 19 -7.06 -10.78 -8.85
N ASN A 20 -7.06 -9.50 -8.45
CA ASN A 20 -5.94 -8.60 -8.67
C ASN A 20 -5.26 -8.37 -7.32
N LEU A 21 -3.94 -8.52 -7.29
CA LEU A 21 -3.13 -8.25 -6.11
C LEU A 21 -2.23 -7.04 -6.38
N ILE A 22 -2.36 -6.01 -5.56
CA ILE A 22 -1.61 -4.77 -5.75
C ILE A 22 -0.45 -4.76 -4.77
N VAL A 23 0.78 -4.71 -5.27
CA VAL A 23 1.98 -4.80 -4.45
C VAL A 23 2.93 -3.64 -4.80
N ASP A 24 3.48 -3.02 -3.75
CA ASP A 24 4.42 -1.91 -3.89
C ASP A 24 5.83 -2.44 -4.14
N CYS A 25 6.50 -1.95 -5.19
CA CYS A 25 7.78 -2.52 -5.60
C CYS A 25 8.99 -1.69 -5.17
N GLN A 26 8.79 -0.64 -4.36
CA GLN A 26 9.90 0.17 -3.89
C GLN A 26 9.81 0.33 -2.39
N TYR A 27 9.82 1.57 -1.88
CA TYR A 27 9.80 1.82 -0.44
C TYR A 27 8.47 2.41 0.03
N GLY A 28 7.38 2.14 -0.68
CA GLY A 28 6.11 2.74 -0.34
C GLY A 28 5.92 4.08 -1.07
N SER A 29 4.76 4.68 -0.86
CA SER A 29 4.39 5.96 -1.46
C SER A 29 4.48 5.93 -2.99
N THR A 30 4.27 4.77 -3.59
CA THR A 30 4.23 4.72 -5.04
C THR A 30 2.91 5.18 -5.61
N GLY A 31 1.89 5.38 -4.76
CA GLY A 31 0.59 5.81 -5.24
C GLY A 31 -0.41 4.68 -5.28
N LYS A 32 -0.39 3.81 -4.26
CA LYS A 32 -1.28 2.66 -4.29
C LYS A 32 -2.72 3.05 -4.01
N GLY A 33 -2.96 4.17 -3.31
CA GLY A 33 -4.33 4.64 -3.17
C GLY A 33 -4.93 4.98 -4.51
N LEU A 34 -4.16 5.69 -5.35
CA LEU A 34 -4.59 6.00 -6.71
C LEU A 34 -4.78 4.72 -7.52
N LEU A 35 -3.79 3.82 -7.50
CA LEU A 35 -3.92 2.57 -8.25
C LEU A 35 -5.16 1.80 -7.80
N ALA A 36 -5.42 1.75 -6.50
CA ALA A 36 -6.58 1.01 -6.02
C ALA A 36 -7.87 1.63 -6.51
N GLY A 37 -7.96 2.97 -6.46
CA GLY A 37 -9.14 3.63 -6.98
C GLY A 37 -9.32 3.39 -8.47
N TYR A 38 -8.21 3.44 -9.22
CA TYR A 38 -8.27 3.26 -10.66
C TYR A 38 -8.72 1.84 -11.01
N LEU A 39 -8.08 0.83 -10.41
CA LEU A 39 -8.48 -0.55 -10.67
C LEU A 39 -9.88 -0.86 -10.14
N GLY A 40 -10.27 -0.25 -9.03
CA GLY A 40 -11.63 -0.45 -8.53
C GLY A 40 -12.66 -0.05 -9.58
N ALA A 41 -12.42 1.06 -10.26
CA ALA A 41 -13.33 1.52 -11.31
C ALA A 41 -13.19 0.67 -12.58
N LEU A 42 -11.96 0.27 -12.91
CA LEU A 42 -11.72 -0.48 -14.14
C LEU A 42 -12.29 -1.89 -14.06
N GLU A 43 -12.04 -2.57 -12.94
CA GLU A 43 -12.35 -3.99 -12.80
C GLU A 43 -13.61 -4.26 -11.99
N ALA A 44 -14.14 -3.27 -11.30
CA ALA A 44 -15.36 -3.38 -10.51
C ALA A 44 -15.40 -4.64 -9.63
N PRO A 45 -14.43 -4.81 -8.74
CA PRO A 45 -14.47 -5.97 -7.84
C PRO A 45 -15.63 -5.89 -6.88
N GLN A 46 -16.12 -7.08 -6.47
CA GLN A 46 -17.15 -7.13 -5.45
C GLN A 46 -16.60 -7.08 -4.05
N VAL A 47 -15.37 -7.56 -3.85
CA VAL A 47 -14.77 -7.68 -2.52
C VAL A 47 -13.39 -7.05 -2.55
N LEU A 48 -13.11 -6.18 -1.58
CA LEU A 48 -11.77 -5.65 -1.37
C LEU A 48 -11.16 -6.32 -0.16
N CYS A 49 -9.96 -6.87 -0.32
CA CYS A 49 -9.19 -7.46 0.78
C CYS A 49 -8.01 -6.58 1.13
N MET A 50 -7.66 -6.54 2.41
CA MET A 50 -6.50 -5.75 2.81
C MET A 50 -6.03 -6.27 4.14
N ALA A 51 -4.75 -6.07 4.44
CA ALA A 51 -4.20 -6.38 5.75
C ALA A 51 -3.49 -5.12 6.23
N PRO A 52 -4.25 -4.08 6.52
CA PRO A 52 -3.64 -2.77 6.78
C PRO A 52 -2.84 -2.75 8.07
N SER A 53 -1.87 -1.84 8.11
CA SER A 53 -1.23 -1.41 9.33
C SER A 53 -1.22 0.11 9.34
N PRO A 54 -1.24 0.74 10.49
CA PRO A 54 -1.47 2.19 10.54
C PRO A 54 -0.24 3.06 10.24
N ASN A 55 0.77 2.53 9.52
CA ASN A 55 2.03 3.26 9.39
C ASN A 55 1.90 4.54 8.58
N ALA A 56 1.00 4.57 7.59
CA ALA A 56 0.91 5.71 6.68
C ALA A 56 -0.49 5.74 6.09
N GLY A 57 -0.87 6.92 5.59
CA GLY A 57 -2.16 7.10 4.96
C GLY A 57 -2.03 7.07 3.45
N HIS A 58 -2.85 6.22 2.82
CA HIS A 58 -2.90 6.06 1.38
C HIS A 58 -3.99 6.98 0.84
N THR A 59 -3.80 7.49 -0.37
CA THR A 59 -4.52 8.69 -0.79
C THR A 59 -5.23 8.51 -2.12
N LEU A 60 -6.50 8.89 -2.16
CA LEU A 60 -7.23 8.95 -3.42
C LEU A 60 -7.73 10.37 -3.58
N VAL A 61 -7.22 11.07 -4.59
CA VAL A 61 -7.65 12.43 -4.90
C VAL A 61 -8.78 12.37 -5.93
N GLU A 62 -9.92 12.94 -5.57
CA GLU A 62 -11.08 13.01 -6.42
C GLU A 62 -10.98 13.99 -7.56
N GLU A 63 -11.88 13.87 -8.51
CA GLU A 63 -11.80 14.76 -9.67
C GLU A 63 -11.82 16.22 -9.24
N ASP A 64 -12.54 16.56 -8.18
CA ASP A 64 -12.65 17.94 -7.72
C ASP A 64 -11.49 18.40 -6.86
N GLY A 65 -10.50 17.53 -6.59
CA GLY A 65 -9.37 17.89 -5.77
C GLY A 65 -9.46 17.45 -4.32
N THR A 66 -10.63 16.98 -3.88
CA THR A 66 -10.79 16.44 -2.54
C THR A 66 -9.98 15.16 -2.37
N ALA A 67 -9.36 15.00 -1.21
CA ALA A 67 -8.57 13.80 -0.91
C ALA A 67 -9.29 12.95 0.12
N ARG A 68 -9.29 11.63 -0.08
CA ARG A 68 -9.67 10.67 0.94
C ARG A 68 -8.42 9.93 1.36
N VAL A 69 -8.13 9.91 2.66
CA VAL A 69 -6.91 9.32 3.18
C VAL A 69 -7.27 8.14 4.07
N HIS A 70 -6.79 6.95 3.70
CA HIS A 70 -7.13 5.72 4.39
C HIS A 70 -5.88 5.10 4.99
N LYS A 71 -5.93 4.81 6.29
CA LYS A 71 -4.92 3.97 6.92
C LYS A 71 -5.43 2.57 7.22
N MET A 72 -6.76 2.41 7.30
CA MET A 72 -7.32 1.14 7.78
C MET A 72 -8.24 0.48 6.77
N LEU A 73 -8.53 1.12 5.63
CA LEU A 73 -9.49 0.60 4.68
C LEU A 73 -8.91 0.70 3.28
N PRO A 74 -9.28 -0.22 2.40
CA PRO A 74 -8.83 -0.13 1.01
C PRO A 74 -9.44 1.08 0.32
N LEU A 75 -8.92 1.37 -0.88
CA LEU A 75 -9.38 2.51 -1.66
C LEU A 75 -9.98 2.11 -2.99
N GLY A 76 -10.22 0.82 -3.23
CA GLY A 76 -10.98 0.37 -4.38
C GLY A 76 -12.47 0.62 -4.24
N ILE A 77 -12.87 1.55 -3.38
CA ILE A 77 -14.27 1.82 -3.09
C ILE A 77 -14.91 2.57 -4.24
N THR A 78 -14.11 2.87 -5.27
CA THR A 78 -14.63 3.34 -6.54
C THR A 78 -15.38 2.26 -7.30
N SER A 79 -15.29 1.01 -6.89
CA SER A 79 -15.95 -0.05 -7.63
C SER A 79 -17.46 0.10 -7.54
N PRO A 80 -18.17 0.19 -8.67
CA PRO A 80 -19.64 0.24 -8.62
C PRO A 80 -20.28 -1.07 -8.16
N SER A 81 -19.53 -2.17 -8.08
CA SER A 81 -20.04 -3.46 -7.68
C SER A 81 -19.63 -3.85 -6.27
N LEU A 82 -19.02 -2.92 -5.52
CA LEU A 82 -18.50 -3.22 -4.19
C LEU A 82 -19.60 -3.71 -3.26
N GLU A 83 -19.38 -4.88 -2.66
CA GLU A 83 -20.30 -5.43 -1.67
C GLU A 83 -19.68 -5.55 -0.28
N ARG A 84 -18.37 -5.72 -0.20
CA ARG A 84 -17.80 -6.11 1.08
C ARG A 84 -16.31 -5.76 1.11
N ILE A 85 -15.84 -5.36 2.29
CA ILE A 85 -14.42 -5.19 2.59
C ILE A 85 -14.06 -6.24 3.63
N TYR A 86 -12.98 -6.98 3.37
CA TYR A 86 -12.52 -8.02 4.30
C TYR A 86 -11.10 -7.69 4.74
N LEU A 87 -10.93 -7.34 6.02
CA LEU A 87 -9.62 -7.10 6.58
C LEU A 87 -9.13 -8.41 7.20
N GLY A 88 -8.00 -8.91 6.69
CA GLY A 88 -7.54 -10.26 6.98
C GLY A 88 -6.86 -10.38 8.33
N PRO A 89 -6.51 -11.61 8.66
CA PRO A 89 -5.91 -11.88 9.98
C PRO A 89 -4.56 -11.23 10.18
N GLY A 90 -3.84 -10.88 9.10
CA GLY A 90 -2.59 -10.17 9.20
C GLY A 90 -2.75 -8.68 9.35
N SER A 91 -3.98 -8.19 9.53
CA SER A 91 -4.18 -6.77 9.78
C SER A 91 -3.67 -6.37 11.16
N VAL A 92 -3.38 -5.08 11.31
CA VAL A 92 -2.91 -4.50 12.57
C VAL A 92 -3.75 -3.23 12.72
N ILE A 93 -4.76 -3.27 13.58
CA ILE A 93 -5.93 -2.41 13.46
C ILE A 93 -5.99 -1.39 14.58
N ASP A 94 -6.04 -0.11 14.19
CA ASP A 94 -6.45 1.00 15.08
C ASP A 94 -7.98 1.10 14.97
N MET A 95 -8.68 0.62 16.00
CA MET A 95 -10.15 0.53 15.92
C MET A 95 -10.81 1.91 15.84
N ASP A 96 -10.26 2.90 16.54
CA ASP A 96 -10.80 4.26 16.41
C ASP A 96 -10.72 4.75 14.98
N ARG A 97 -9.54 4.62 14.36
CA ARG A 97 -9.34 5.11 13.01
C ARG A 97 -10.17 4.32 12.01
N LEU A 98 -10.28 3.00 12.22
CA LEU A 98 -11.08 2.19 11.31
C LEU A 98 -12.56 2.60 11.36
N LEU A 99 -13.08 2.81 12.57
CA LEU A 99 -14.47 3.26 12.69
C LEU A 99 -14.66 4.60 11.99
N GLU A 100 -13.72 5.52 12.20
CA GLU A 100 -13.83 6.84 11.58
C GLU A 100 -13.85 6.73 10.05
N GLU A 101 -12.93 5.95 9.49
CA GLU A 101 -12.90 5.80 8.03
C GLU A 101 -14.14 5.10 7.52
N TYR A 102 -14.64 4.10 8.26
CA TYR A 102 -15.82 3.37 7.80
C TYR A 102 -17.04 4.28 7.75
N LEU A 103 -17.25 5.08 8.80
CA LEU A 103 -18.43 5.93 8.85
C LEU A 103 -18.41 6.98 7.75
N ALA A 104 -17.23 7.33 7.24
CA ALA A 104 -17.08 8.34 6.21
C ALA A 104 -17.18 7.78 4.79
N LEU A 105 -17.38 6.48 4.64
CA LEU A 105 -17.44 5.90 3.31
C LEU A 105 -18.65 6.45 2.55
N PRO A 106 -18.55 6.60 1.22
CA PRO A 106 -19.66 7.17 0.46
C PRO A 106 -20.83 6.23 0.30
N ARG A 107 -20.61 4.92 0.30
CA ARG A 107 -21.67 3.97 0.01
C ARG A 107 -21.64 2.86 1.03
N GLN A 108 -22.82 2.30 1.28
CA GLN A 108 -22.95 1.27 2.29
C GLN A 108 -22.30 -0.02 1.80
N VAL A 109 -21.41 -0.58 2.60
CA VAL A 109 -20.83 -1.88 2.29
C VAL A 109 -20.63 -2.64 3.60
N GLU A 110 -20.58 -3.96 3.49
CA GLU A 110 -20.31 -4.81 4.64
C GLU A 110 -18.82 -4.78 4.98
N LEU A 111 -18.51 -4.67 6.26
CA LEU A 111 -17.11 -4.69 6.71
C LEU A 111 -16.91 -5.96 7.54
N TRP A 112 -16.06 -6.85 7.06
CA TRP A 112 -15.71 -8.08 7.75
C TRP A 112 -14.28 -7.96 8.24
N VAL A 113 -14.01 -8.40 9.47
CA VAL A 113 -12.65 -8.39 10.02
C VAL A 113 -12.37 -9.75 10.64
N HIS A 114 -11.21 -10.31 10.34
CA HIS A 114 -10.83 -11.60 10.91
C HIS A 114 -10.58 -11.47 12.41
N GLN A 115 -11.06 -12.47 13.17
CA GLN A 115 -10.97 -12.45 14.62
C GLN A 115 -9.54 -12.36 15.13
N ASN A 116 -8.54 -12.82 14.35
CA ASN A 116 -7.16 -12.86 14.83
C ASN A 116 -6.31 -11.67 14.39
N ALA A 117 -6.91 -10.64 13.77
CA ALA A 117 -6.17 -9.43 13.48
C ALA A 117 -5.64 -8.84 14.78
N ALA A 118 -4.46 -8.21 14.70
CA ALA A 118 -3.93 -7.51 15.85
C ALA A 118 -4.64 -6.17 16.01
N VAL A 119 -4.52 -5.60 17.22
CA VAL A 119 -5.13 -4.33 17.57
CA VAL A 119 -5.12 -4.32 17.53
C VAL A 119 -4.05 -3.39 18.08
N VAL A 120 -4.12 -2.11 17.67
CA VAL A 120 -3.19 -1.08 18.13
C VAL A 120 -3.82 -0.33 19.29
N LEU A 121 -3.14 -0.33 20.43
CA LEU A 121 -3.54 0.38 21.64
C LEU A 121 -2.62 1.57 21.90
N GLN A 122 -3.07 2.49 22.77
CA GLN A 122 -2.26 3.65 23.08
C GLN A 122 -0.88 3.26 23.60
N GLU A 123 -0.80 2.18 24.39
CA GLU A 123 0.50 1.77 24.94
C GLU A 123 1.50 1.43 23.83
N HIS A 124 1.01 0.94 22.70
CA HIS A 124 1.89 0.64 21.57
C HIS A 124 2.40 1.91 20.92
N ARG A 125 1.51 2.90 20.73
CA ARG A 125 1.97 4.20 20.25
C ARG A 125 2.96 4.82 21.22
N ASP A 126 2.67 4.74 22.52
CA ASP A 126 3.58 5.30 23.52
C ASP A 126 4.96 4.66 23.44
N GLU A 127 5.00 3.36 23.29
CA GLU A 127 6.28 2.68 23.24
C GLU A 127 7.11 3.15 22.04
N GLU A 128 6.52 3.22 20.85
CA GLU A 128 7.29 3.62 19.69
C GLU A 128 7.63 5.11 19.72
N ALA A 129 6.80 5.92 20.39
CA ALA A 129 7.06 7.35 20.50
C ALA A 129 8.33 7.66 21.27
N ALA A 130 8.77 6.76 22.15
CA ALA A 130 10.01 6.95 22.88
C ALA A 130 11.26 6.78 22.00
N GLY A 131 11.09 6.38 20.74
CA GLY A 131 12.22 6.20 19.83
C GLY A 131 13.07 4.99 20.19
N GLY A 132 14.25 4.94 19.60
CA GLY A 132 15.20 3.89 19.89
C GLY A 132 14.86 2.56 19.27
N LEU A 133 14.15 2.56 18.14
CA LEU A 133 13.78 1.33 17.46
C LEU A 133 14.22 1.43 16.01
N ALA A 134 13.37 1.07 15.04
CA ALA A 134 13.80 1.16 13.65
C ALA A 134 14.11 2.60 13.28
N PRO A 135 15.25 2.86 12.62
CA PRO A 135 15.56 4.24 12.21
C PRO A 135 14.56 4.71 11.17
N GLY A 136 14.00 5.90 11.38
CA GLY A 136 12.97 6.38 10.49
C GLY A 136 11.60 5.81 10.72
N SER A 137 11.39 5.01 11.78
CA SER A 137 10.07 4.45 12.04
C SER A 137 9.00 5.53 11.98
N THR A 138 7.83 5.16 11.44
CA THR A 138 6.68 6.05 11.52
C THR A 138 6.22 6.25 12.95
N ARG A 139 6.65 5.40 13.88
CA ARG A 139 6.21 5.43 15.28
C ARG A 139 4.69 5.32 15.42
N SER A 140 4.05 4.58 14.51
CA SER A 140 2.60 4.42 14.52
C SER A 140 2.10 3.48 15.60
N GLY A 141 3.00 2.76 16.29
CA GLY A 141 2.61 1.68 17.17
C GLY A 141 2.42 0.34 16.49
N ALA A 142 2.49 0.29 15.15
CA ALA A 142 2.19 -0.94 14.43
C ALA A 142 3.13 -2.08 14.82
N GLY A 143 4.41 -1.77 14.99
CA GLY A 143 5.36 -2.81 15.35
C GLY A 143 5.08 -3.38 16.72
N SER A 144 4.89 -2.51 17.71
CA SER A 144 4.58 -2.96 19.07
C SER A 144 3.29 -3.76 19.12
N ALA A 145 2.27 -3.30 18.39
CA ALA A 145 0.97 -3.99 18.43
C ALA A 145 1.08 -5.38 17.84
N PHE A 146 1.81 -5.49 16.72
CA PHE A 146 2.01 -6.77 16.07
C PHE A 146 2.81 -7.71 16.95
N ILE A 147 3.88 -7.19 17.57
CA ILE A 147 4.69 -8.00 18.49
C ILE A 147 3.85 -8.52 19.64
N ALA A 148 2.91 -7.72 20.15
CA ALA A 148 2.06 -8.22 21.23
C ALA A 148 1.24 -9.42 20.76
N LYS A 149 0.70 -9.37 19.55
CA LYS A 149 0.01 -10.54 18.99
C LYS A 149 0.94 -11.75 18.94
N ILE A 150 2.14 -11.55 18.40
CA ILE A 150 3.11 -12.63 18.20
C ILE A 150 3.59 -13.20 19.52
N ARG A 151 3.68 -12.38 20.56
CA ARG A 151 4.27 -12.84 21.82
C ARG A 151 3.34 -13.80 22.58
N ARG A 152 2.01 -13.68 22.40
CA ARG A 152 1.04 -14.59 23.02
C ARG A 152 1.14 -14.59 24.54
N ARG A 153 1.27 -13.42 25.14
CA ARG A 153 1.27 -13.31 26.58
C ARG A 153 -0.17 -13.46 27.07
N PRO A 154 -0.39 -14.17 28.16
CA PRO A 154 -1.77 -14.34 28.65
C PRO A 154 -2.47 -12.99 28.82
N GLY A 155 -3.72 -12.93 28.40
CA GLY A 155 -4.50 -11.69 28.46
C GLY A 155 -4.47 -10.83 27.22
N THR A 156 -3.57 -11.10 26.27
CA THR A 156 -3.54 -10.32 25.04
C THR A 156 -4.77 -10.62 24.21
N LEU A 157 -5.50 -9.57 23.82
CA LEU A 157 -6.73 -9.73 23.05
C LEU A 157 -6.47 -9.35 21.60
N LEU A 158 -6.87 -10.24 20.68
CA LEU A 158 -6.87 -9.90 19.27
C LEU A 158 -8.20 -9.24 18.94
N PHE A 159 -8.40 -8.92 17.65
CA PHE A 159 -9.53 -8.08 17.27
C PHE A 159 -10.88 -8.67 17.70
N GLY A 160 -11.05 -9.99 17.51
CA GLY A 160 -12.33 -10.60 17.80
C GLY A 160 -12.82 -10.34 19.22
N GLU A 161 -11.91 -10.33 20.19
CA GLU A 161 -12.31 -10.01 21.57
C GLU A 161 -12.20 -8.52 21.87
N ALA A 162 -11.17 -7.85 21.33
CA ALA A 162 -10.93 -6.45 21.66
C ALA A 162 -12.05 -5.56 21.16
N VAL A 163 -12.67 -5.90 20.03
CA VAL A 163 -13.68 -5.02 19.46
C VAL A 163 -14.99 -5.06 20.24
N ARG A 164 -15.23 -6.08 21.08
CA ARG A 164 -16.54 -6.20 21.71
C ARG A 164 -16.80 -5.05 22.68
N ASP A 165 -15.75 -4.46 23.15
CA ASP A 165 -15.65 -3.35 24.08
C ASP A 165 -15.78 -1.99 23.41
N HIS A 166 -15.88 -1.97 22.07
CA HIS A 166 -15.62 -0.78 21.28
C HIS A 166 -16.80 -0.50 20.36
N PRO A 167 -17.13 0.78 20.12
CA PRO A 167 -18.27 1.07 19.23
C PRO A 167 -18.18 0.44 17.86
N LEU A 168 -16.95 0.16 17.39
CA LEU A 168 -16.75 -0.48 16.09
C LEU A 168 -17.54 -1.78 15.97
N HIS A 169 -17.81 -2.46 17.10
CA HIS A 169 -18.45 -3.77 17.00
C HIS A 169 -19.80 -3.69 16.33
N GLY A 170 -20.48 -2.54 16.42
CA GLY A 170 -21.80 -2.42 15.83
C GLY A 170 -21.81 -2.36 14.32
N VAL A 171 -20.66 -2.18 13.66
CA VAL A 171 -20.62 -2.04 12.21
C VAL A 171 -19.73 -3.08 11.54
N VAL A 172 -19.17 -4.02 12.28
CA VAL A 172 -18.28 -5.03 11.71
CA VAL A 172 -18.28 -5.02 11.71
C VAL A 172 -18.88 -6.41 11.96
N ARG A 173 -18.60 -7.32 11.02
CA ARG A 173 -18.82 -8.73 11.26
C ARG A 173 -17.45 -9.36 11.55
N VAL A 174 -17.28 -9.88 12.76
CA VAL A 174 -16.07 -10.62 13.10
C VAL A 174 -16.20 -12.02 12.53
N VAL A 175 -15.17 -12.48 11.80
CA VAL A 175 -15.26 -13.75 11.09
C VAL A 175 -14.04 -14.61 11.39
N ASP A 176 -14.21 -15.92 11.24
CA ASP A 176 -13.06 -16.82 11.24
C ASP A 176 -12.74 -17.28 9.81
N THR A 177 -11.74 -18.14 9.70
CA THR A 177 -11.26 -18.48 8.36
C THR A 177 -12.26 -19.34 7.60
N ARG A 178 -13.00 -20.23 8.29
CA ARG A 178 -14.04 -20.99 7.59
C ARG A 178 -15.06 -20.05 6.95
N THR A 179 -15.47 -19.02 7.67
CA THR A 179 -16.43 -18.06 7.10
C THR A 179 -15.80 -17.25 5.96
N ALA A 180 -14.56 -16.78 6.15
CA ALA A 180 -13.89 -16.02 5.11
C ALA A 180 -13.70 -16.84 3.84
N GLN A 181 -13.29 -18.11 3.98
CA GLN A 181 -13.08 -18.97 2.83
C GLN A 181 -14.34 -19.07 2.00
N ASP A 182 -15.45 -19.38 2.66
CA ASP A 182 -16.72 -19.55 1.97
C ASP A 182 -17.08 -18.30 1.18
N MET A 183 -16.97 -17.13 1.82
CA MET A 183 -17.28 -15.86 1.15
C MET A 183 -16.38 -15.64 -0.06
N LEU A 184 -15.07 -15.84 0.11
CA LEU A 184 -14.14 -15.54 -0.97
C LEU A 184 -14.33 -16.46 -2.17
N PHE A 185 -14.57 -17.76 -1.92
CA PHE A 185 -14.80 -18.69 -3.01
C PHE A 185 -16.09 -18.38 -3.78
N ARG A 186 -17.02 -17.69 -3.18
CA ARG A 186 -18.25 -17.30 -3.86
C ARG A 186 -18.20 -15.93 -4.50
N THR A 187 -17.05 -15.29 -4.48
CA THR A 187 -16.91 -13.95 -5.00
C THR A 187 -16.34 -13.96 -6.41
N ARG A 188 -16.99 -13.23 -7.33
CA ARG A 188 -16.56 -13.28 -8.72
C ARG A 188 -15.24 -12.55 -8.95
N SER A 189 -15.09 -11.35 -8.37
CA SER A 189 -13.92 -10.50 -8.62
C SER A 189 -13.44 -9.95 -7.28
N ILE A 190 -12.17 -10.20 -6.99
CA ILE A 190 -11.52 -9.81 -5.74
C ILE A 190 -10.39 -8.85 -6.06
N GLN A 191 -10.22 -7.82 -5.23
CA GLN A 191 -9.08 -6.93 -5.32
C GLN A 191 -8.43 -6.90 -3.95
N ALA A 192 -7.15 -7.27 -3.87
CA ALA A 192 -6.42 -7.22 -2.60
C ALA A 192 -5.34 -6.15 -2.69
N GLU A 193 -5.27 -5.27 -1.68
CA GLU A 193 -4.45 -4.08 -1.75
C GLU A 193 -3.33 -4.21 -0.72
N GLY A 194 -2.09 -4.36 -1.21
CA GLY A 194 -0.95 -4.32 -0.34
C GLY A 194 -0.66 -2.91 0.16
N CYS A 195 0.07 -2.83 1.26
CA CYS A 195 0.58 -1.55 1.73
C CYS A 195 2.08 -1.68 1.97
N GLN A 196 2.69 -0.59 2.40
CA GLN A 196 4.16 -0.48 2.64
C GLN A 196 4.88 -0.72 1.31
N GLY A 197 6.04 -1.36 1.31
CA GLY A 197 6.86 -1.44 0.11
C GLY A 197 7.75 -2.67 0.13
N TYR A 198 7.97 -3.29 -1.04
CA TYR A 198 8.84 -4.47 -1.13
C TYR A 198 10.16 -4.27 -0.39
N SER A 199 10.83 -3.14 -0.64
CA SER A 199 12.17 -2.96 -0.07
C SER A 199 12.14 -2.55 1.39
N LEU A 200 10.95 -2.38 1.98
CA LEU A 200 10.79 -2.30 3.42
C LEU A 200 10.60 -3.66 4.07
N SER A 201 10.56 -4.72 3.27
CA SER A 201 10.40 -6.08 3.80
C SER A 201 11.47 -6.39 4.84
N VAL A 202 11.03 -6.97 5.97
CA VAL A 202 11.99 -7.41 6.98
C VAL A 202 12.82 -8.57 6.45
N HIS A 203 12.37 -9.24 5.39
CA HIS A 203 13.12 -10.32 4.75
C HIS A 203 14.07 -9.79 3.66
N HIS A 204 13.56 -8.92 2.78
CA HIS A 204 14.24 -8.54 1.55
C HIS A 204 14.77 -7.12 1.58
N GLY A 205 14.54 -6.38 2.67
CA GLY A 205 15.02 -5.02 2.78
C GLY A 205 16.41 -4.94 3.41
N ALA A 206 16.90 -3.72 3.54
CA ALA A 206 18.20 -3.46 4.16
C ALA A 206 17.95 -3.27 5.66
N TYR A 207 18.11 -4.34 6.42
CA TYR A 207 17.81 -4.29 7.84
C TYR A 207 18.79 -3.34 8.54
N PRO A 208 18.33 -2.53 9.51
CA PRO A 208 16.99 -2.40 10.09
C PRO A 208 16.14 -1.26 9.50
N TYR A 209 16.48 -0.82 8.29
CA TYR A 209 15.76 0.27 7.62
C TYR A 209 14.52 -0.28 6.92
N CYS A 210 13.68 -0.94 7.71
CA CYS A 210 12.59 -1.73 7.15
C CYS A 210 11.46 -1.83 8.18
N THR A 211 10.35 -2.41 7.72
CA THR A 211 9.18 -2.55 8.58
C THR A 211 9.18 -3.95 9.25
N ALA A 212 8.07 -4.29 9.91
CA ALA A 212 8.01 -5.42 10.83
C ALA A 212 7.61 -6.72 10.15
N ARG A 213 7.37 -6.72 8.86
CA ARG A 213 6.94 -7.95 8.20
C ARG A 213 7.50 -7.97 6.79
N ASP A 214 7.38 -9.12 6.15
CA ASP A 214 7.70 -9.20 4.74
C ASP A 214 6.66 -8.39 3.97
N VAL A 215 7.05 -7.90 2.79
CA VAL A 215 6.14 -7.13 1.93
C VAL A 215 6.32 -7.71 0.52
N THR A 216 5.59 -8.78 0.23
CA THR A 216 5.62 -9.47 -1.05
C THR A 216 4.21 -9.92 -1.39
N THR A 217 4.06 -10.39 -2.63
CA THR A 217 2.82 -11.05 -3.02
C THR A 217 2.48 -12.17 -2.04
N ALA A 218 3.47 -12.99 -1.69
CA ALA A 218 3.21 -14.12 -0.80
C ALA A 218 2.73 -13.66 0.56
N GLN A 219 3.38 -12.64 1.13
CA GLN A 219 2.97 -12.19 2.44
C GLN A 219 1.58 -11.57 2.40
N LEU A 220 1.26 -10.88 1.31
CA LEU A 220 -0.07 -10.30 1.15
C LEU A 220 -1.15 -11.38 1.14
N ILE A 221 -0.91 -12.46 0.37
CA ILE A 221 -1.83 -13.59 0.36
C ILE A 221 -2.01 -14.15 1.77
N ALA A 222 -0.90 -14.29 2.49
CA ALA A 222 -0.94 -14.87 3.83
C ALA A 222 -1.73 -13.97 4.78
N ASP A 223 -1.43 -12.67 4.77
CA ASP A 223 -2.05 -11.76 5.74
C ASP A 223 -3.51 -11.45 5.39
N CYS A 224 -3.87 -11.43 4.11
CA CYS A 224 -5.26 -11.28 3.72
C CYS A 224 -6.05 -12.56 3.93
N GLY A 225 -5.38 -13.68 4.16
CA GLY A 225 -6.08 -14.94 4.26
C GLY A 225 -6.70 -15.37 2.95
N LEU A 226 -6.10 -14.99 1.83
CA LEU A 226 -6.59 -15.48 0.54
C LEU A 226 -6.27 -16.95 0.39
N PRO A 227 -7.25 -17.80 0.08
CA PRO A 227 -6.95 -19.22 -0.15
C PRO A 227 -6.02 -19.39 -1.35
N TYR A 228 -5.13 -20.38 -1.26
CA TYR A 228 -4.07 -20.49 -2.25
C TYR A 228 -4.61 -20.74 -3.67
N ASP A 229 -5.73 -21.46 -3.81
CA ASP A 229 -6.24 -21.66 -5.17
C ASP A 229 -6.71 -20.35 -5.80
N VAL A 230 -7.16 -19.39 -4.98
CA VAL A 230 -7.48 -18.08 -5.52
C VAL A 230 -6.20 -17.33 -5.89
N ALA A 231 -5.19 -17.38 -5.02
CA ALA A 231 -3.90 -16.77 -5.33
C ALA A 231 -3.33 -17.30 -6.63
N ARG A 232 -3.55 -18.58 -6.92
CA ARG A 232 -3.02 -19.19 -8.15
C ARG A 232 -3.56 -18.54 -9.42
N ILE A 233 -4.80 -18.06 -9.40
CA ILE A 233 -5.34 -17.42 -10.60
C ILE A 233 -5.17 -15.91 -10.56
N ALA A 234 -4.50 -15.38 -9.55
CA ALA A 234 -4.45 -13.94 -9.38
C ALA A 234 -3.46 -13.32 -10.35
N ARG A 235 -3.76 -12.08 -10.73
CA ARG A 235 -2.82 -11.24 -11.46
C ARG A 235 -2.18 -10.27 -10.47
N VAL A 236 -0.88 -10.04 -10.63
CA VAL A 236 -0.12 -9.17 -9.71
C VAL A 236 0.19 -7.86 -10.42
N VAL A 237 -0.26 -6.75 -9.85
CA VAL A 237 0.01 -5.43 -10.37
C VAL A 237 1.01 -4.76 -9.44
N GLY A 238 2.20 -4.48 -9.93
CA GLY A 238 3.26 -3.87 -9.14
C GLY A 238 3.34 -2.37 -9.40
N SER A 239 3.33 -1.59 -8.32
CA SER A 239 3.40 -0.13 -8.43
CA SER A 239 3.40 -0.13 -8.43
C SER A 239 4.82 0.35 -8.14
N MET A 240 5.27 1.34 -8.93
CA MET A 240 6.57 1.92 -8.71
C MET A 240 6.56 3.37 -9.19
N ARG A 241 7.41 4.19 -8.59
CA ARG A 241 7.58 5.59 -8.98
C ARG A 241 8.79 5.75 -9.88
N THR A 242 8.76 6.82 -10.69
CA THR A 242 9.96 7.18 -11.45
C THR A 242 11.13 7.52 -10.53
N TYR A 243 10.83 8.09 -9.36
CA TYR A 243 11.86 8.43 -8.37
C TYR A 243 11.46 7.82 -7.04
N PRO A 244 12.06 6.70 -6.64
CA PRO A 244 11.71 6.10 -5.35
C PRO A 244 11.89 7.10 -4.22
N ILE A 245 11.11 6.92 -3.16
CA ILE A 245 11.07 7.85 -2.04
C ILE A 245 11.13 7.06 -0.74
N ARG A 246 11.90 7.58 0.22
CA ARG A 246 11.92 7.08 1.58
C ARG A 246 11.37 8.15 2.52
N VAL A 247 10.99 7.73 3.73
CA VAL A 247 10.51 8.68 4.74
C VAL A 247 11.64 9.59 5.16
N ALA A 248 11.30 10.66 5.87
CA ALA A 248 12.30 11.63 6.27
C ALA A 248 13.25 11.06 7.32
N ASN A 249 14.46 11.60 7.36
CA ASN A 249 15.34 11.36 8.49
C ASN A 249 14.76 12.03 9.73
N ARG A 250 15.25 11.60 10.89
CA ARG A 250 14.96 12.25 12.16
C ARG A 250 16.28 12.54 12.85
N PRO A 251 17.01 13.56 12.37
CA PRO A 251 18.38 13.76 12.87
C PRO A 251 18.48 14.03 14.37
N GLU A 252 17.52 14.75 14.96
CA GLU A 252 17.54 14.99 16.40
C GLU A 252 17.53 13.69 17.18
N ALA A 253 16.89 12.67 16.65
CA ALA A 253 16.88 11.35 17.26
C ALA A 253 18.02 10.46 16.75
N GLY A 254 18.91 11.02 15.93
CA GLY A 254 20.01 10.26 15.38
C GLY A 254 19.59 9.17 14.42
N GLU A 255 18.53 9.42 13.63
CA GLU A 255 17.94 8.42 12.76
C GLU A 255 18.10 8.83 11.31
N TRP A 256 18.76 7.98 10.52
CA TRP A 256 18.79 8.09 9.07
C TRP A 256 17.86 7.02 8.52
N SER A 257 17.03 7.37 7.53
CA SER A 257 15.95 6.44 7.19
C SER A 257 16.37 5.35 6.18
N GLY A 258 17.62 5.36 5.71
CA GLY A 258 18.16 4.19 5.05
C GLY A 258 18.64 4.41 3.64
N PRO A 259 19.27 3.38 3.08
CA PRO A 259 19.94 3.50 1.78
C PRO A 259 18.97 3.31 0.64
N CYS A 260 19.45 3.65 -0.56
CA CYS A 260 18.79 3.28 -1.80
C CYS A 260 19.57 2.14 -2.45
N TYR A 261 19.08 1.66 -3.58
CA TYR A 261 19.85 0.65 -4.31
C TYR A 261 21.12 1.26 -4.93
N PRO A 262 22.12 0.41 -5.26
CA PRO A 262 23.41 0.95 -5.75
C PRO A 262 23.33 1.65 -7.09
N ASP A 263 22.34 1.33 -7.92
CA ASP A 263 22.16 2.02 -9.19
C ASP A 263 21.19 3.20 -9.09
N SER A 264 20.81 3.57 -7.87
CA SER A 264 20.11 4.81 -7.58
C SER A 264 21.08 5.79 -6.93
N VAL A 265 20.80 7.08 -7.08
CA VAL A 265 21.50 8.08 -6.28
C VAL A 265 20.46 9.01 -5.66
N GLU A 266 20.72 9.42 -4.43
CA GLU A 266 19.82 10.38 -3.80
C GLU A 266 19.89 11.72 -4.53
N CYS A 267 18.72 12.35 -4.69
CA CYS A 267 18.72 13.68 -5.30
C CYS A 267 17.82 14.61 -4.50
N GLN A 268 17.57 15.80 -5.01
CA GLN A 268 16.74 16.78 -4.35
C GLN A 268 15.53 17.07 -5.22
N PHE A 269 14.41 17.42 -4.56
CA PHE A 269 13.21 17.77 -5.30
C PHE A 269 13.48 18.93 -6.26
N ALA A 270 14.37 19.86 -5.80
CA ALA A 270 14.76 21.01 -6.62
C ALA A 270 15.39 20.55 -7.92
N ASP A 271 16.12 19.42 -7.92
CA ASP A 271 16.67 18.90 -9.17
C ASP A 271 15.60 18.53 -10.18
N LEU A 272 14.36 18.40 -9.75
CA LEU A 272 13.29 18.13 -10.67
C LEU A 272 12.42 19.35 -10.87
N GLY A 273 12.79 20.48 -10.32
CA GLY A 273 11.92 21.64 -10.35
C GLY A 273 10.67 21.47 -9.52
N LEU A 274 10.75 20.79 -8.43
CA LEU A 274 9.64 20.58 -7.54
C LEU A 274 9.93 21.16 -6.17
N GLU A 275 8.85 21.52 -5.46
CA GLU A 275 9.04 21.97 -4.12
C GLU A 275 9.23 20.77 -3.21
N GLN A 276 9.99 20.94 -2.15
CA GLN A 276 10.24 19.90 -1.20
C GLN A 276 8.98 19.31 -0.66
N GLU A 277 8.95 18.01 -0.53
CA GLU A 277 7.77 17.32 -0.03
C GLU A 277 8.04 17.08 1.44
N TYR A 278 7.16 17.58 2.31
CA TYR A 278 7.27 17.46 3.75
C TYR A 278 6.26 16.44 4.26
N THR A 279 6.51 15.94 5.44
CA THR A 279 5.65 14.96 6.04
C THR A 279 4.43 15.59 6.68
N THR A 280 3.32 14.89 6.52
CA THR A 280 2.02 15.29 7.02
C THR A 280 1.98 15.97 8.37
N VAL A 281 2.65 15.44 9.38
CA VAL A 281 2.60 16.04 10.70
C VAL A 281 3.90 16.66 11.21
N THR A 282 4.95 15.85 11.24
CA THR A 282 6.25 16.29 11.69
C THR A 282 6.88 17.40 10.82
N LYS A 283 6.41 17.52 9.58
CA LYS A 283 6.94 18.53 8.67
C LYS A 283 8.41 18.32 8.38
N LEU A 284 8.77 17.10 8.05
CA LEU A 284 10.17 16.76 7.76
C LEU A 284 10.30 16.43 6.26
N PRO A 285 11.44 16.73 5.66
CA PRO A 285 11.60 16.52 4.21
C PRO A 285 11.76 15.04 3.86
N ARG A 286 10.90 14.55 2.98
CA ARG A 286 11.05 13.21 2.42
C ARG A 286 12.33 13.13 1.59
N ARG A 287 12.85 11.91 1.42
CA ARG A 287 14.07 11.68 0.66
C ARG A 287 13.70 11.02 -0.67
N ILE A 288 14.29 11.52 -1.75
CA ILE A 288 14.00 11.04 -3.09
C ILE A 288 15.29 10.58 -3.76
N PHE A 289 15.16 9.58 -4.64
CA PHE A 289 16.30 8.95 -5.31
C PHE A 289 15.95 8.70 -6.77
N THR A 290 16.98 8.56 -7.61
CA THR A 290 16.72 8.16 -8.99
C THR A 290 16.26 6.72 -9.06
N PHE A 291 15.67 6.37 -10.20
CA PHE A 291 15.09 5.05 -10.41
C PHE A 291 16.17 3.97 -10.38
N SER A 292 15.87 2.85 -9.73
CA SER A 292 16.74 1.67 -9.71
C SER A 292 16.11 0.57 -10.55
N ALA A 293 16.77 0.21 -11.66
CA ALA A 293 16.31 -0.92 -12.45
C ALA A 293 16.55 -2.23 -11.70
N ILE A 294 17.64 -2.30 -10.94
CA ILE A 294 17.90 -3.52 -10.16
C ILE A 294 16.76 -3.78 -9.19
N GLN A 295 16.34 -2.73 -8.46
CA GLN A 295 15.23 -2.85 -7.53
C GLN A 295 13.96 -3.26 -8.25
N ALA A 296 13.65 -2.60 -9.37
CA ALA A 296 12.46 -2.94 -10.13
C ALA A 296 12.48 -4.40 -10.54
N HIS A 297 13.59 -4.85 -11.11
CA HIS A 297 13.67 -6.23 -11.58
C HIS A 297 13.59 -7.21 -10.42
N GLU A 298 14.25 -6.89 -9.31
CA GLU A 298 14.20 -7.78 -8.17
C GLU A 298 12.77 -7.91 -7.61
N ALA A 299 12.05 -6.79 -7.50
CA ALA A 299 10.70 -6.83 -6.98
C ALA A 299 9.75 -7.51 -7.96
N ILE A 300 9.93 -7.25 -9.26
CA ILE A 300 9.10 -7.93 -10.26
C ILE A 300 9.26 -9.44 -10.14
N ALA A 301 10.50 -9.91 -9.96
CA ALA A 301 10.74 -11.35 -9.88
C ALA A 301 10.24 -11.92 -8.56
N GLN A 302 10.46 -11.25 -7.47
CA GLN A 302 10.01 -11.79 -6.21
C GLN A 302 8.50 -11.88 -6.14
N ASN A 303 7.86 -10.84 -6.65
CA ASN A 303 6.41 -10.72 -6.56
C ASN A 303 5.66 -11.38 -7.71
N GLY A 304 6.36 -11.84 -8.74
CA GLY A 304 5.66 -12.35 -9.92
C GLY A 304 4.80 -11.31 -10.59
N VAL A 305 5.28 -10.06 -10.65
CA VAL A 305 4.50 -8.97 -11.20
C VAL A 305 4.14 -9.26 -12.65
N ASP A 306 2.86 -9.15 -12.99
CA ASP A 306 2.40 -9.30 -14.36
C ASP A 306 2.20 -7.97 -15.08
N GLU A 307 1.82 -6.93 -14.35
CA GLU A 307 1.52 -5.62 -14.90
C GLU A 307 2.15 -4.58 -13.99
N VAL A 308 2.85 -3.60 -14.55
CA VAL A 308 3.45 -2.54 -13.76
C VAL A 308 2.63 -1.26 -13.92
N PHE A 309 2.37 -0.59 -12.80
CA PHE A 309 1.91 0.79 -12.73
C PHE A 309 3.14 1.66 -12.50
N LEU A 310 3.53 2.44 -13.51
CA LEU A 310 4.61 3.41 -13.36
C LEU A 310 3.98 4.76 -13.09
N ASN A 311 4.19 5.28 -11.90
CA ASN A 311 3.55 6.50 -11.44
C ASN A 311 4.58 7.63 -11.39
N PHE A 312 4.06 8.85 -11.24
CA PHE A 312 4.88 10.06 -11.28
C PHE A 312 5.68 10.15 -12.57
N ALA A 313 5.02 9.78 -13.67
CA ALA A 313 5.65 9.85 -14.97
C ALA A 313 5.92 11.29 -15.41
N GLN A 314 5.34 12.28 -14.73
CA GLN A 314 5.60 13.68 -15.02
C GLN A 314 6.85 14.22 -14.33
N TYR A 315 7.48 13.43 -13.45
CA TYR A 315 8.67 13.89 -12.73
C TYR A 315 9.96 13.97 -13.55
N PRO A 316 10.27 13.03 -14.45
CA PRO A 316 11.60 13.06 -15.11
C PRO A 316 11.78 14.34 -15.89
N PRO A 317 13.00 14.91 -15.89
CA PRO A 317 13.21 16.22 -16.52
C PRO A 317 13.24 16.22 -18.05
N SER A 318 13.20 15.05 -18.69
CA SER A 318 13.09 14.98 -20.14
C SER A 318 12.28 13.74 -20.50
N LEU A 319 11.66 13.76 -21.68
CA LEU A 319 10.93 12.59 -22.14
C LEU A 319 11.86 11.39 -22.28
N GLY A 320 13.10 11.63 -22.71
CA GLY A 320 14.07 10.55 -22.81
C GLY A 320 14.34 9.88 -21.48
N ALA A 321 14.37 10.68 -20.41
CA ALA A 321 14.58 10.12 -19.07
C ALA A 321 13.42 9.24 -18.65
N LEU A 322 12.19 9.62 -19.01
CA LEU A 322 11.04 8.78 -18.74
C LEU A 322 11.09 7.51 -19.59
N GLU A 323 11.49 7.64 -20.85
CA GLU A 323 11.52 6.46 -21.71
C GLU A 323 12.59 5.48 -21.29
N ASP A 324 13.73 5.97 -20.77
CA ASP A 324 14.74 5.07 -20.24
C ASP A 324 14.21 4.24 -19.08
N ILE A 325 13.40 4.85 -18.19
CA ILE A 325 12.81 4.10 -17.09
C ILE A 325 11.85 3.05 -17.62
N LEU A 326 11.01 3.44 -18.59
CA LEU A 326 10.09 2.50 -19.21
C LEU A 326 10.82 1.32 -19.83
N ASP A 327 11.87 1.61 -20.60
CA ASP A 327 12.65 0.55 -21.23
C ASP A 327 13.22 -0.40 -20.20
N ALA A 328 13.73 0.13 -19.09
CA ALA A 328 14.29 -0.73 -18.04
C ALA A 328 13.22 -1.68 -17.50
N ILE A 329 12.03 -1.15 -17.18
CA ILE A 329 10.97 -1.99 -16.63
C ILE A 329 10.54 -3.03 -17.65
N GLU A 330 10.32 -2.58 -18.89
CA GLU A 330 9.76 -3.45 -19.92
C GLU A 330 10.69 -4.58 -20.32
N ALA A 331 11.96 -4.53 -19.93
CA ALA A 331 12.83 -5.71 -20.06
C ALA A 331 12.29 -6.89 -19.25
N ARG A 332 11.40 -6.65 -18.30
CA ARG A 332 10.92 -7.73 -17.46
C ARG A 332 9.41 -7.78 -17.26
N ALA A 333 8.71 -6.68 -17.42
CA ALA A 333 7.26 -6.72 -17.26
C ALA A 333 6.64 -5.56 -18.03
N GLU A 334 5.43 -5.79 -18.54
CA GLU A 334 4.71 -4.75 -19.24
C GLU A 334 4.39 -3.59 -18.31
N VAL A 335 4.58 -2.36 -18.79
CA VAL A 335 4.10 -1.17 -18.10
C VAL A 335 2.68 -0.94 -18.60
N THR A 336 1.71 -1.42 -17.82
CA THR A 336 0.32 -1.44 -18.24
C THR A 336 -0.39 -0.14 -17.92
N TYR A 337 -0.02 0.51 -16.82
CA TYR A 337 -0.68 1.73 -16.37
C TYR A 337 0.38 2.78 -16.13
N VAL A 338 0.13 4.01 -16.58
CA VAL A 338 1.10 5.09 -16.42
C VAL A 338 0.37 6.26 -15.77
N GLY A 339 0.90 6.73 -14.64
CA GLY A 339 0.27 7.80 -13.87
C GLY A 339 1.04 9.11 -14.02
N PHE A 340 0.32 10.16 -14.40
CA PHE A 340 0.90 11.50 -14.59
C PHE A 340 0.41 12.51 -13.57
N GLY A 341 -0.43 12.10 -12.62
CA GLY A 341 -1.02 12.96 -11.61
C GLY A 341 -1.77 12.11 -10.60
N PRO A 342 -2.36 12.76 -9.58
CA PRO A 342 -2.96 12.01 -8.47
C PRO A 342 -4.40 11.54 -8.65
N LYS A 343 -5.08 11.88 -9.75
CA LYS A 343 -6.47 11.50 -9.96
C LYS A 343 -6.56 10.26 -10.86
N VAL A 344 -7.66 9.55 -10.72
CA VAL A 344 -7.93 8.39 -11.59
C VAL A 344 -7.88 8.81 -13.05
N THR A 345 -8.32 10.03 -13.37
CA THR A 345 -8.24 10.48 -14.75
C THR A 345 -6.82 10.82 -15.20
N ASP A 346 -5.82 10.72 -14.32
CA ASP A 346 -4.43 10.94 -14.69
C ASP A 346 -3.68 9.64 -14.95
N VAL A 347 -4.37 8.51 -14.96
CA VAL A 347 -3.78 7.21 -15.22
C VAL A 347 -4.18 6.79 -16.62
N TYR A 348 -3.21 6.32 -17.39
CA TYR A 348 -3.45 5.98 -18.79
C TYR A 348 -3.07 4.54 -19.02
N HIS A 349 -3.92 3.82 -19.74
CA HIS A 349 -3.76 2.40 -20.01
C HIS A 349 -2.92 2.21 -21.27
N THR A 350 -1.84 1.41 -21.15
CA THR A 350 -0.89 1.05 -22.21
C THR A 350 -0.72 2.13 -23.28
N PRO A 351 -0.29 3.34 -22.93
CA PRO A 351 -0.10 4.36 -23.97
C PRO A 351 0.98 3.97 -24.95
N THR A 352 0.76 4.25 -26.24
CA THR A 352 1.84 4.14 -27.20
C THR A 352 2.92 5.18 -26.88
N ARG A 353 4.12 4.94 -27.40
CA ARG A 353 5.20 5.91 -27.22
C ARG A 353 4.81 7.29 -27.78
N ALA A 354 4.08 7.30 -28.89
CA ALA A 354 3.60 8.57 -29.44
C ALA A 354 2.62 9.24 -28.48
N GLU A 355 1.69 8.46 -27.91
CA GLU A 355 0.75 9.01 -26.95
C GLU A 355 1.47 9.48 -25.69
N LEU A 356 2.46 8.71 -25.29
CA LEU A 356 3.26 9.08 -24.12
C LEU A 356 3.89 10.45 -24.30
N GLU A 357 4.41 10.72 -25.50
CA GLU A 357 5.01 12.02 -25.78
C GLU A 357 4.02 13.15 -25.51
N GLY A 358 2.80 13.03 -26.01
CA GLY A 358 1.80 14.05 -25.80
C GLY A 358 1.37 14.17 -24.35
N LEU A 359 1.28 13.05 -23.64
CA LEU A 359 0.91 13.11 -22.22
C LEU A 359 2.01 13.79 -21.41
N TYR A 360 3.26 13.41 -21.64
CA TYR A 360 4.37 14.01 -20.91
C TYR A 360 4.42 15.51 -21.13
N ALA A 361 4.32 15.94 -22.39
CA ALA A 361 4.32 17.37 -22.70
C ALA A 361 3.16 18.07 -22.00
N ARG A 362 2.00 17.48 -22.03
CA ARG A 362 0.82 18.12 -21.48
C ARG A 362 0.86 18.21 -19.95
N TYR A 363 1.44 17.20 -19.30
CA TYR A 363 1.50 17.22 -17.84
C TYR A 363 2.72 17.95 -17.29
N ARG A 364 3.48 18.59 -18.14
CA ARG A 364 4.65 19.35 -17.69
C ARG A 364 4.53 20.83 -17.93
P DGP B . 7.88 1.33 10.91
OP1 DGP B . 6.73 2.27 11.11
OP2 DGP B . 8.68 1.11 12.23
OP3 DGP B . 7.41 -0.04 10.34
O5' DGP B . 8.90 2.01 9.83
C5' DGP B . 10.14 1.40 9.41
C4' DGP B . 10.52 1.86 8.02
O4' DGP B . 9.48 1.45 7.10
C3' DGP B . 10.67 3.37 7.84
O3' DGP B . 11.66 3.64 6.85
C2' DGP B . 9.29 3.78 7.33
C1' DGP B . 8.90 2.59 6.48
N9 DGP B . 7.45 2.36 6.42
C8 DGP B . 6.73 1.49 7.21
N7 DGP B . 5.47 1.40 6.87
C5 DGP B . 5.34 2.27 5.79
C6 DGP B . 4.21 2.60 4.98
O6 DGP B . 3.07 2.14 5.09
N1 DGP B . 4.51 3.52 4.00
C2 DGP B . 5.75 4.07 3.81
N2 DGP B . 5.90 4.93 2.78
N3 DGP B . 6.81 3.78 4.55
C4 DGP B . 6.54 2.88 5.51
PG DTP C . 2.13 5.33 1.62
O1G DTP C . 3.35 6.24 1.70
O2G DTP C . 0.81 6.07 1.97
O3G DTP C . 2.28 4.06 2.47
PB DTP C . 0.87 4.82 -0.99
O1B DTP C . -0.43 4.40 -0.46
O2B DTP C . 1.40 4.02 -2.18
O3B DTP C . 1.99 4.77 0.13
PA DTP C . -0.32 7.40 -1.47
O1A DTP C . -1.49 6.77 -2.12
O2A DTP C . -0.52 7.98 -0.07
O3A DTP C . 0.88 6.35 -1.39
O5' DTP C . 0.31 8.53 -2.44
C5' DTP C . 1.39 9.37 -1.96
C4' DTP C . 1.06 10.80 -2.36
O4' DTP C . 1.32 11.01 -3.77
C3' DTP C . -0.40 11.20 -2.13
O3' DTP C . -0.44 12.53 -1.61
C2' DTP C . -0.99 11.17 -3.53
C1' DTP C . 0.18 11.59 -4.38
N9 DTP C . 0.15 11.18 -5.77
C8 DTP C . -0.16 9.95 -6.27
N7 DTP C . 0.11 9.80 -7.55
C5 DTP C . 0.62 11.04 -7.92
C6 DTP C . 1.16 11.52 -9.13
N6 DTP C . 1.31 10.79 -10.24
N1 DTP C . 1.60 12.80 -9.17
C2 DTP C . 1.52 13.53 -8.04
N3 DTP C . 1.06 13.17 -6.84
C4 DTP C . 0.63 11.90 -6.84
#